data_8XZ5
#
_entry.id   8XZ5
#
_cell.length_a   76.204
_cell.length_b   76.204
_cell.length_c   55.257
_cell.angle_alpha   90.00
_cell.angle_beta   90.00
_cell.angle_gamma   90.00
#
_symmetry.space_group_name_H-M   'P 43'
#
loop_
_entity.id
_entity.type
_entity.pdbx_description
1 polymer Moesin
2 polymer "Spike protein S2'"
3 water water
#
loop_
_entity_poly.entity_id
_entity_poly.type
_entity_poly.pdbx_seq_one_letter_code
_entity_poly.pdbx_strand_id
1 'polypeptide(L)'
;MPKTISVRVTTMDAELEFAIQPNTTGKQLFDQVVKTIGLREVWFFGLQYQDTKGFSTWLKLNKKVTAQDVRKESPLLFKF
RAKFYPEDVSEELIQDITQRLFFLQVKEGILNDDIYCPPETAVLLASYAVQSKYGDFNKEVHKSGYLAGDKLLPQRVLEQ
HKLNKDQWEERIQVWHEEHRGMLREDAVLEYLKIAQDLEMYGVNYFSIKNKKGSELWLGVDALGLNIYEQNDRLTPKIGF
PWSEIRNISFNDKKFVIKPIDKKAPDFVFYAPRLRINKRILALCMGNHELYMRRRK
;
A
2 'polypeptide(L)' DSEPVLKGVKLHYT B
#
# COMPACT_ATOMS: atom_id res chain seq x y z
N LYS A 3 25.24 -18.80 11.88
CA LYS A 3 24.78 -17.62 12.61
C LYS A 3 23.27 -17.66 12.86
N THR A 4 22.85 -16.92 13.87
CA THR A 4 21.43 -16.70 14.17
C THR A 4 21.18 -15.19 14.18
N ILE A 5 20.41 -14.72 13.21
CA ILE A 5 20.20 -13.31 12.96
C ILE A 5 18.83 -12.91 13.48
N SER A 6 18.76 -11.79 14.21
CA SER A 6 17.50 -11.31 14.76
C SER A 6 16.77 -10.45 13.73
N VAL A 7 15.48 -10.71 13.58
CA VAL A 7 14.65 -10.08 12.54
C VAL A 7 13.29 -9.74 13.14
N ARG A 8 12.77 -8.57 12.78
CA ARG A 8 11.40 -8.20 13.14
C ARG A 8 10.60 -8.00 11.87
N VAL A 9 9.40 -8.57 11.84
CA VAL A 9 8.43 -8.34 10.77
C VAL A 9 7.23 -7.68 11.42
N THR A 10 6.84 -6.52 10.90
CA THR A 10 5.69 -5.80 11.41
C THR A 10 4.60 -5.81 10.34
N THR A 11 3.43 -6.35 10.69
CA THR A 11 2.24 -6.16 9.88
C THR A 11 1.59 -4.85 10.31
N MET A 12 0.42 -4.54 9.74
CA MET A 12 -0.27 -3.33 10.17
C MET A 12 -0.75 -3.42 11.62
N ASP A 13 -0.93 -4.63 12.16
CA ASP A 13 -1.41 -4.75 13.54
C ASP A 13 -0.77 -5.92 14.29
N ALA A 14 0.46 -6.29 13.94
CA ALA A 14 1.19 -7.28 14.71
C ALA A 14 2.68 -7.04 14.53
N GLU A 15 3.44 -7.42 15.55
CA GLU A 15 4.91 -7.36 15.49
C GLU A 15 5.43 -8.74 15.81
N LEU A 16 6.26 -9.27 14.92
CA LEU A 16 6.78 -10.63 15.05
C LEU A 16 8.29 -10.59 15.08
N GLU A 17 8.87 -11.17 16.12
CA GLU A 17 10.32 -11.29 16.23
C GLU A 17 10.72 -12.72 15.90
N PHE A 18 11.66 -12.86 14.95
CA PHE A 18 12.12 -14.17 14.52
C PHE A 18 13.63 -14.27 14.68
N ALA A 19 14.11 -15.51 14.82
CA ALA A 19 15.50 -15.86 14.65
C ALA A 19 15.62 -16.63 13.35
N ILE A 20 16.52 -16.19 12.46
CA ILE A 20 16.75 -16.89 11.20
C ILE A 20 18.22 -17.26 11.09
N GLN A 21 18.58 -17.99 10.03
CA GLN A 21 19.95 -18.39 9.73
C GLN A 21 20.41 -17.76 8.42
N PRO A 22 21.71 -17.77 8.11
CA PRO A 22 22.15 -17.16 6.85
C PRO A 22 21.52 -17.78 5.61
N ASN A 23 21.15 -19.07 5.66
CA ASN A 23 20.58 -19.74 4.51
C ASN A 23 19.05 -19.66 4.49
N THR A 24 18.44 -18.96 5.43
CA THR A 24 16.99 -18.76 5.40
C THR A 24 16.60 -17.93 4.18
N THR A 25 15.58 -18.39 3.46
CA THR A 25 15.10 -17.68 2.28
C THR A 25 13.95 -16.75 2.63
N GLY A 26 13.79 -15.70 1.83
CA GLY A 26 12.65 -14.81 2.02
C GLY A 26 11.33 -15.54 2.01
N LYS A 27 11.21 -16.55 1.16
CA LYS A 27 10.02 -17.40 1.14
C LYS A 27 9.74 -17.99 2.52
N GLN A 28 10.79 -18.52 3.17
CA GLN A 28 10.60 -19.15 4.48
C GLN A 28 10.19 -18.15 5.54
N LEU A 29 10.73 -16.93 5.48
CA LEU A 29 10.30 -15.89 6.41
C LEU A 29 8.86 -15.47 6.13
N PHE A 30 8.54 -15.25 4.85
CA PHE A 30 7.19 -14.89 4.43
C PHE A 30 6.18 -15.96 4.85
N ASP A 31 6.49 -17.23 4.59
CA ASP A 31 5.59 -18.31 4.95
C ASP A 31 5.35 -18.37 6.46
N GLN A 32 6.40 -18.17 7.26
CA GLN A 32 6.21 -18.17 8.71
C GLN A 32 5.31 -17.01 9.14
N VAL A 33 5.45 -15.86 8.50
CA VAL A 33 4.61 -14.70 8.85
C VAL A 33 3.14 -15.00 8.56
N VAL A 34 2.85 -15.49 7.35
CA VAL A 34 1.46 -15.66 6.97
C VAL A 34 0.83 -16.80 7.75
N LYS A 35 1.62 -17.81 8.12
CA LYS A 35 1.08 -18.90 8.93
C LYS A 35 0.78 -18.43 10.35
N THR A 36 1.60 -17.53 10.90
CA THR A 36 1.37 -17.06 12.26
C THR A 36 0.09 -16.23 12.35
N ILE A 37 -0.20 -15.42 11.33
CA ILE A 37 -1.35 -14.52 11.39
C ILE A 37 -2.59 -15.11 10.72
N GLY A 38 -2.46 -16.24 10.02
CA GLY A 38 -3.62 -16.89 9.44
C GLY A 38 -4.07 -16.35 8.10
N LEU A 39 -3.14 -15.80 7.31
CA LEU A 39 -3.49 -15.18 6.04
C LEU A 39 -3.36 -16.20 4.92
N ARG A 40 -4.44 -16.38 4.14
CA ARG A 40 -4.40 -17.27 3.00
C ARG A 40 -4.27 -16.54 1.66
N GLU A 41 -4.76 -15.31 1.56
CA GLU A 41 -4.70 -14.56 0.30
C GLU A 41 -3.36 -13.83 0.21
N VAL A 42 -2.31 -14.64 0.08
CA VAL A 42 -0.93 -14.15 0.19
C VAL A 42 -0.44 -13.44 -1.06
N TRP A 43 -1.13 -13.59 -2.20
CA TRP A 43 -0.60 -13.10 -3.46
C TRP A 43 -0.45 -11.59 -3.47
N PHE A 44 -1.23 -10.88 -2.64
CA PHE A 44 -1.18 -9.42 -2.60
C PHE A 44 0.02 -8.87 -1.82
N PHE A 45 0.70 -9.69 -1.01
CA PHE A 45 1.57 -9.15 0.01
C PHE A 45 3.05 -9.42 -0.28
N GLY A 46 3.89 -8.69 0.44
CA GLY A 46 5.33 -8.83 0.34
C GLY A 46 5.98 -8.32 1.62
N LEU A 47 7.30 -8.42 1.65
CA LEU A 47 8.10 -7.97 2.79
C LEU A 47 8.96 -6.81 2.34
N GLN A 48 8.68 -5.62 2.87
CA GLN A 48 9.39 -4.42 2.51
C GLN A 48 10.53 -4.16 3.50
N TYR A 49 11.63 -3.62 2.98
CA TYR A 49 12.78 -3.30 3.82
C TYR A 49 13.49 -2.07 3.27
N GLN A 50 14.48 -1.61 4.02
CA GLN A 50 15.28 -0.45 3.66
C GLN A 50 16.62 -0.90 3.11
N ASP A 51 16.97 -0.38 1.93
CA ASP A 51 18.24 -0.70 1.29
C ASP A 51 19.42 -0.24 2.14
N THR A 52 20.60 -0.73 1.79
CA THR A 52 21.83 -0.19 2.36
C THR A 52 21.95 1.31 2.09
N LYS A 53 21.35 1.78 1.00
CA LYS A 53 21.37 3.21 0.66
C LYS A 53 20.02 3.87 0.91
N GLY A 54 19.13 3.23 1.66
CA GLY A 54 17.94 3.90 2.15
C GLY A 54 16.74 3.92 1.23
N PHE A 55 16.64 2.97 0.30
CA PHE A 55 15.45 2.84 -0.55
C PHE A 55 14.51 1.79 0.03
N SER A 56 13.21 2.03 -0.07
CA SER A 56 12.22 1.04 0.30
C SER A 56 11.98 0.10 -0.88
N THR A 57 12.31 -1.18 -0.71
CA THR A 57 12.07 -2.16 -1.76
C THR A 57 11.54 -3.44 -1.13
N TRP A 58 11.23 -4.41 -1.99
CA TRP A 58 10.61 -5.66 -1.57
C TRP A 58 11.64 -6.80 -1.56
N LEU A 59 11.59 -7.60 -0.50
CA LEU A 59 12.43 -8.78 -0.41
C LEU A 59 12.11 -9.77 -1.52
N LYS A 60 13.15 -10.39 -2.06
CA LYS A 60 12.99 -11.46 -3.03
C LYS A 60 12.79 -12.77 -2.28
N LEU A 61 11.64 -13.41 -2.49
CA LEU A 61 11.34 -14.62 -1.72
C LEU A 61 12.12 -15.83 -2.22
N ASN A 62 12.61 -15.82 -3.46
CA ASN A 62 13.40 -16.92 -3.97
C ASN A 62 14.90 -16.74 -3.73
N LYS A 63 15.30 -15.79 -2.89
CA LYS A 63 16.70 -15.60 -2.53
C LYS A 63 16.86 -15.64 -1.02
N LYS A 64 18.11 -15.84 -0.59
CA LYS A 64 18.45 -15.76 0.81
C LYS A 64 18.16 -14.36 1.34
N VAL A 65 17.82 -14.27 2.64
CA VAL A 65 17.55 -12.98 3.24
C VAL A 65 18.82 -12.15 3.33
N THR A 66 19.93 -12.78 3.72
CA THR A 66 21.19 -12.06 3.84
C THR A 66 21.83 -11.76 2.50
N ALA A 67 21.44 -12.47 1.44
CA ALA A 67 22.03 -12.26 0.12
C ALA A 67 21.56 -10.96 -0.52
N GLN A 68 20.38 -10.49 -0.16
CA GLN A 68 19.91 -9.17 -0.59
C GLN A 68 20.58 -8.10 0.27
N ASP A 69 20.59 -6.86 -0.24
CA ASP A 69 21.34 -5.80 0.43
C ASP A 69 20.46 -5.06 1.45
N VAL A 70 19.93 -5.85 2.39
CA VAL A 70 19.19 -5.28 3.51
C VAL A 70 20.16 -4.47 4.38
N ARG A 71 19.70 -3.32 4.86
CA ARG A 71 20.55 -2.45 5.65
C ARG A 71 21.06 -3.18 6.89
N LYS A 72 22.38 -3.15 7.08
CA LYS A 72 23.03 -3.95 8.12
C LYS A 72 22.74 -3.41 9.52
N GLU A 73 21.71 -3.98 10.14
CA GLU A 73 21.31 -3.58 11.51
C GLU A 73 20.78 -4.80 12.27
N SER A 74 20.72 -4.71 13.59
CA SER A 74 20.16 -5.80 14.43
C SER A 74 19.20 -5.19 15.46
N PRO A 75 17.89 -5.48 15.38
CA PRO A 75 17.42 -6.49 14.44
C PRO A 75 17.15 -6.02 13.01
N LEU A 76 17.14 -6.95 12.07
CA LEU A 76 16.73 -6.58 10.69
C LEU A 76 15.24 -6.24 10.71
N LEU A 77 14.84 -5.18 10.01
CA LEU A 77 13.48 -4.65 10.10
C LEU A 77 12.77 -4.87 8.77
N PHE A 78 11.66 -5.60 8.81
CA PHE A 78 10.82 -5.81 7.63
C PHE A 78 9.39 -5.37 7.94
N LYS A 79 8.71 -4.90 6.90
CA LYS A 79 7.31 -4.51 7.00
C LYS A 79 6.52 -5.41 6.07
N PHE A 80 5.67 -6.25 6.65
CA PHE A 80 4.74 -7.07 5.89
C PHE A 80 3.59 -6.19 5.41
N ARG A 81 3.51 -5.96 4.10
CA ARG A 81 2.57 -4.99 3.54
C ARG A 81 2.00 -5.51 2.23
N ALA A 82 0.86 -4.96 1.87
CA ALA A 82 0.31 -5.18 0.54
C ALA A 82 1.21 -4.55 -0.52
N LYS A 83 1.65 -5.38 -1.47
CA LYS A 83 2.45 -4.92 -2.60
C LYS A 83 1.63 -4.73 -3.86
N PHE A 84 0.57 -5.52 -4.02
CA PHE A 84 -0.34 -5.43 -5.15
C PHE A 84 -1.77 -5.21 -4.63
N TYR A 85 -2.54 -4.43 -5.39
CA TYR A 85 -3.90 -4.13 -4.97
C TYR A 85 -4.90 -4.78 -5.90
N PRO A 86 -6.02 -5.24 -5.37
CA PRO A 86 -7.06 -5.82 -6.23
C PRO A 86 -7.70 -4.75 -7.09
N GLU A 87 -8.33 -5.18 -8.18
CA GLU A 87 -9.09 -4.25 -8.98
C GLU A 87 -10.42 -3.87 -8.33
N ASP A 88 -10.94 -4.71 -7.45
CA ASP A 88 -12.22 -4.46 -6.79
C ASP A 88 -12.17 -5.16 -5.43
N VAL A 89 -12.16 -4.37 -4.35
CA VAL A 89 -12.00 -4.96 -3.02
C VAL A 89 -13.18 -5.89 -2.70
N SER A 90 -14.38 -5.54 -3.18
CA SER A 90 -15.55 -6.34 -2.87
C SER A 90 -15.43 -7.76 -3.41
N GLU A 91 -14.99 -7.90 -4.66
CA GLU A 91 -14.91 -9.22 -5.27
C GLU A 91 -13.68 -10.02 -4.84
N GLU A 92 -12.61 -9.35 -4.37
CA GLU A 92 -11.31 -10.01 -4.30
C GLU A 92 -10.75 -10.20 -2.89
N LEU A 93 -11.14 -9.39 -1.91
CA LEU A 93 -10.64 -9.52 -0.54
C LEU A 93 -11.69 -10.32 0.25
N ILE A 94 -11.50 -11.64 0.30
CA ILE A 94 -12.53 -12.52 0.86
C ILE A 94 -12.31 -12.75 2.35
N GLN A 95 -11.06 -12.93 2.78
CA GLN A 95 -10.78 -13.12 4.20
C GLN A 95 -10.90 -11.81 4.96
N ASP A 96 -11.37 -11.92 6.21
CA ASP A 96 -11.50 -10.72 7.04
C ASP A 96 -10.14 -10.15 7.40
N ILE A 97 -9.13 -11.01 7.57
CA ILE A 97 -7.81 -10.48 7.92
C ILE A 97 -7.22 -9.72 6.74
N THR A 98 -7.43 -10.22 5.52
CA THR A 98 -6.97 -9.50 4.33
C THR A 98 -7.60 -8.13 4.26
N GLN A 99 -8.92 -8.06 4.45
CA GLN A 99 -9.62 -6.78 4.43
C GLN A 99 -9.04 -5.82 5.46
N ARG A 100 -8.82 -6.31 6.69
CA ARG A 100 -8.35 -5.42 7.75
C ARG A 100 -6.93 -4.94 7.48
N LEU A 101 -6.08 -5.79 6.90
CA LEU A 101 -4.71 -5.36 6.61
C LEU A 101 -4.68 -4.31 5.50
N PHE A 102 -5.53 -4.47 4.47
CA PHE A 102 -5.64 -3.43 3.46
C PHE A 102 -6.21 -2.14 4.05
N PHE A 103 -7.23 -2.25 4.88
CA PHE A 103 -7.87 -1.06 5.50
C PHE A 103 -6.85 -0.24 6.28
N LEU A 104 -6.16 -0.91 7.18
CA LEU A 104 -5.15 -0.22 8.02
C LEU A 104 -4.05 0.41 7.15
N GLN A 105 -3.55 -0.31 6.16
CA GLN A 105 -2.44 0.22 5.33
C GLN A 105 -2.94 1.41 4.52
N VAL A 106 -4.12 1.28 3.94
CA VAL A 106 -4.64 2.39 3.14
C VAL A 106 -4.96 3.59 4.03
N LYS A 107 -5.64 3.35 5.15
CA LYS A 107 -5.97 4.44 6.08
C LYS A 107 -4.71 5.15 6.56
N GLU A 108 -3.62 4.41 6.80
CA GLU A 108 -2.38 5.04 7.21
C GLU A 108 -1.86 6.00 6.14
N GLY A 109 -1.90 5.59 4.88
CA GLY A 109 -1.41 6.45 3.81
C GLY A 109 -2.30 7.66 3.57
N ILE A 110 -3.60 7.51 3.80
CA ILE A 110 -4.51 8.66 3.71
C ILE A 110 -4.23 9.64 4.84
N LEU A 111 -4.13 9.14 6.07
CA LEU A 111 -3.97 10.03 7.22
C LEU A 111 -2.60 10.70 7.24
N ASN A 112 -1.60 10.16 6.56
CA ASN A 112 -0.27 10.75 6.51
C ASN A 112 -0.03 11.54 5.22
N ASP A 113 -1.08 11.79 4.45
CA ASP A 113 -1.07 12.59 3.22
C ASP A 113 -0.36 11.90 2.06
N ASP A 114 0.02 10.63 2.20
CA ASP A 114 0.67 9.94 1.10
C ASP A 114 -0.31 9.66 -0.04
N ILE A 115 -1.57 9.45 0.27
CA ILE A 115 -2.64 9.26 -0.71
C ILE A 115 -3.56 10.46 -0.61
N TYR A 116 -3.61 11.28 -1.67
CA TYR A 116 -4.43 12.47 -1.63
C TYR A 116 -5.90 12.11 -1.42
N CYS A 117 -6.58 12.89 -0.58
CA CYS A 117 -7.99 12.69 -0.28
C CYS A 117 -8.64 14.05 -0.07
N PRO A 118 -9.67 14.41 -0.82
CA PRO A 118 -10.35 15.70 -0.62
C PRO A 118 -11.11 15.72 0.69
N PRO A 119 -11.42 16.91 1.23
CA PRO A 119 -11.97 16.97 2.61
C PRO A 119 -13.28 16.22 2.78
N GLU A 120 -14.22 16.37 1.86
CA GLU A 120 -15.52 15.71 1.99
C GLU A 120 -15.38 14.21 2.04
N THR A 121 -14.51 13.65 1.19
CA THR A 121 -14.25 12.21 1.24
C THR A 121 -13.55 11.82 2.53
N ALA A 122 -12.62 12.65 3.00
CA ALA A 122 -11.91 12.36 4.24
C ALA A 122 -12.87 12.28 5.42
N VAL A 123 -13.84 13.19 5.49
CA VAL A 123 -14.83 13.13 6.57
C VAL A 123 -15.62 11.84 6.50
N LEU A 124 -16.00 11.42 5.28
CA LEU A 124 -16.81 10.23 5.13
C LEU A 124 -16.01 8.97 5.45
N LEU A 125 -14.76 8.91 5.00
CA LEU A 125 -13.88 7.80 5.37
C LEU A 125 -13.70 7.71 6.87
N ALA A 126 -13.47 8.86 7.52
CA ALA A 126 -13.32 8.87 8.97
C ALA A 126 -14.54 8.30 9.68
N SER A 127 -15.74 8.56 9.13
CA SER A 127 -16.94 8.08 9.79
C SER A 127 -17.05 6.56 9.73
N TYR A 128 -16.57 5.93 8.66
CA TYR A 128 -16.57 4.48 8.58
C TYR A 128 -15.49 3.88 9.48
N ALA A 129 -14.34 4.53 9.58
CA ALA A 129 -13.34 4.08 10.55
C ALA A 129 -13.87 4.17 11.97
N VAL A 130 -14.63 5.22 12.25
CA VAL A 130 -15.24 5.38 13.58
C VAL A 130 -16.22 4.25 13.84
N GLN A 131 -17.10 3.96 12.87
CA GLN A 131 -18.04 2.85 13.01
C GLN A 131 -17.31 1.54 13.21
N SER A 132 -16.17 1.36 12.54
CA SER A 132 -15.37 0.14 12.68
C SER A 132 -14.76 0.04 14.08
N LYS A 133 -14.40 1.17 14.67
CA LYS A 133 -13.75 1.08 15.97
C LYS A 133 -14.75 1.03 17.12
N TYR A 134 -15.77 1.90 17.06
CA TYR A 134 -16.70 2.10 18.16
C TYR A 134 -17.98 1.29 18.03
N GLY A 135 -18.28 0.74 16.85
CA GLY A 135 -19.62 0.20 16.73
C GLY A 135 -20.63 1.31 16.60
N ASP A 136 -21.90 0.93 16.77
CA ASP A 136 -22.99 1.88 16.64
C ASP A 136 -22.79 3.06 17.58
N PHE A 137 -23.07 4.26 17.08
CA PHE A 137 -23.15 5.42 17.93
C PHE A 137 -24.27 5.22 18.94
N ASN A 138 -23.89 5.12 20.21
CA ASN A 138 -24.80 4.98 21.33
C ASN A 138 -24.59 6.16 22.26
N LYS A 139 -25.68 6.79 22.72
CA LYS A 139 -25.51 8.00 23.50
C LYS A 139 -25.25 7.73 24.98
N GLU A 140 -25.63 6.54 25.48
CA GLU A 140 -25.16 6.16 26.81
C GLU A 140 -23.67 5.91 26.84
N VAL A 141 -23.06 5.61 25.69
CA VAL A 141 -21.66 5.23 25.61
C VAL A 141 -20.80 6.35 25.01
N HIS A 142 -21.31 7.04 23.98
CA HIS A 142 -20.53 8.04 23.25
C HIS A 142 -21.11 9.42 23.50
N LYS A 143 -20.46 10.19 24.38
CA LYS A 143 -20.86 11.55 24.67
C LYS A 143 -19.81 12.52 24.13
N SER A 144 -20.18 13.81 24.10
CA SER A 144 -19.44 14.84 23.38
C SER A 144 -17.94 14.79 23.68
N GLY A 145 -17.13 14.78 22.61
CA GLY A 145 -15.70 14.64 22.73
C GLY A 145 -15.19 13.22 22.63
N TYR A 146 -16.06 12.25 22.31
CA TYR A 146 -15.64 10.86 22.26
C TYR A 146 -14.63 10.59 21.16
N LEU A 147 -14.41 11.54 20.25
CA LEU A 147 -13.44 11.38 19.17
C LEU A 147 -12.20 12.24 19.35
N ALA A 148 -12.09 12.98 20.47
CA ALA A 148 -10.99 13.90 20.66
C ALA A 148 -9.62 13.23 20.64
N GLY A 149 -9.54 11.95 20.98
CA GLY A 149 -8.31 11.21 20.98
C GLY A 149 -8.03 10.41 19.73
N ASP A 150 -8.93 10.42 18.75
CA ASP A 150 -8.73 9.69 17.52
C ASP A 150 -8.09 10.59 16.47
N LYS A 151 -7.07 10.09 15.80
CA LYS A 151 -6.54 10.73 14.60
C LYS A 151 -7.45 10.34 13.44
N LEU A 152 -8.22 11.30 12.92
CA LEU A 152 -9.26 10.98 11.96
C LEU A 152 -9.07 11.61 10.58
N LEU A 153 -8.33 12.70 10.47
CA LEU A 153 -8.27 13.39 9.19
C LEU A 153 -6.83 13.66 8.78
N PRO A 154 -6.55 13.70 7.48
CA PRO A 154 -5.20 14.05 7.02
C PRO A 154 -4.84 15.48 7.44
N GLN A 155 -3.56 15.71 7.70
CA GLN A 155 -3.12 17.05 8.09
C GLN A 155 -3.43 18.08 7.00
N ARG A 156 -3.26 17.71 5.73
CA ARG A 156 -3.57 18.66 4.66
C ARG A 156 -5.01 19.14 4.72
N VAL A 157 -5.94 18.25 5.08
CA VAL A 157 -7.33 18.65 5.24
C VAL A 157 -7.48 19.61 6.42
N LEU A 158 -6.81 19.32 7.53
CA LEU A 158 -6.92 20.18 8.71
C LEU A 158 -6.46 21.60 8.42
N GLU A 159 -5.35 21.64 7.67
CA GLU A 159 -4.61 22.92 7.43
C GLU A 159 -5.42 23.77 6.50
N GLN A 160 -5.94 23.16 5.46
CA GLN A 160 -6.88 23.98 4.69
C GLN A 160 -8.02 24.08 5.69
N HIS A 161 -9.05 24.85 5.40
CA HIS A 161 -10.21 24.85 6.32
C HIS A 161 -9.90 25.53 7.65
N LYS A 162 -10.88 26.31 8.08
CA LYS A 162 -10.70 27.05 9.35
C LYS A 162 -11.49 26.33 10.44
N LEU A 163 -11.90 25.11 10.16
CA LEU A 163 -12.75 24.39 11.13
C LEU A 163 -11.97 24.04 12.38
N ASN A 164 -12.59 24.18 13.54
CA ASN A 164 -11.97 23.76 14.80
C ASN A 164 -12.17 22.25 14.97
N LYS A 165 -11.46 21.65 15.94
CA LYS A 165 -11.59 20.20 16.20
C LYS A 165 -13.04 19.79 16.42
N ASP A 166 -13.74 20.51 17.29
CA ASP A 166 -15.13 20.14 17.65
C ASP A 166 -16.03 20.14 16.41
N GLN A 167 -15.79 21.08 15.50
CA GLN A 167 -16.59 21.14 14.24
C GLN A 167 -16.27 19.92 13.39
N TRP A 168 -14.99 19.56 13.25
CA TRP A 168 -14.66 18.36 12.49
C TRP A 168 -15.29 17.14 13.11
N GLU A 169 -15.21 17.04 14.44
CA GLU A 169 -15.75 15.88 15.13
C GLU A 169 -17.27 15.82 15.03
N GLU A 170 -17.94 16.97 15.00
CA GLU A 170 -19.38 16.94 14.79
C GLU A 170 -19.75 16.57 13.35
N ARG A 171 -18.96 17.00 12.37
CA ARG A 171 -19.24 16.58 10.99
C ARG A 171 -19.09 15.07 10.84
N ILE A 172 -18.02 14.53 11.43
CA ILE A 172 -17.83 13.08 11.40
C ILE A 172 -18.93 12.38 12.18
N GLN A 173 -19.38 12.97 13.30
CA GLN A 173 -20.41 12.33 14.11
C GLN A 173 -21.73 12.21 13.36
N VAL A 174 -22.07 13.22 12.55
CA VAL A 174 -23.30 13.15 11.77
C VAL A 174 -23.31 11.87 10.94
N TRP A 175 -22.23 11.64 10.20
CA TRP A 175 -22.12 10.43 9.39
C TRP A 175 -22.06 9.18 10.25
N HIS A 176 -21.38 9.25 11.41
CA HIS A 176 -21.34 8.11 12.30
C HIS A 176 -22.74 7.66 12.68
N GLU A 177 -23.63 8.61 12.95
CA GLU A 177 -25.01 8.27 13.27
C GLU A 177 -25.70 7.61 12.08
N GLU A 178 -25.34 8.01 10.86
CA GLU A 178 -25.98 7.45 9.67
C GLU A 178 -25.69 5.96 9.51
N HIS A 179 -24.56 5.49 10.05
CA HIS A 179 -24.12 4.12 9.85
C HIS A 179 -24.69 3.14 10.87
N ARG A 180 -25.67 3.55 11.67
CA ARG A 180 -26.18 2.69 12.73
C ARG A 180 -26.63 1.35 12.18
N GLY A 181 -26.16 0.28 12.82
CA GLY A 181 -26.48 -1.08 12.41
C GLY A 181 -25.43 -1.75 11.56
N MET A 182 -24.43 -1.01 11.10
CA MET A 182 -23.42 -1.55 10.21
C MET A 182 -22.40 -2.36 10.99
N LEU A 183 -22.21 -3.61 10.60
CA LEU A 183 -21.20 -4.43 11.25
C LEU A 183 -19.81 -3.89 10.96
N ARG A 184 -18.88 -4.19 11.85
CA ARG A 184 -17.56 -3.57 11.81
C ARG A 184 -16.77 -4.01 10.57
N GLU A 185 -16.98 -5.24 10.11
CA GLU A 185 -16.33 -5.68 8.88
C GLU A 185 -16.96 -5.03 7.66
N ASP A 186 -18.23 -4.64 7.74
CA ASP A 186 -18.86 -3.93 6.63
C ASP A 186 -18.43 -2.47 6.59
N ALA A 187 -18.16 -1.87 7.75
CA ALA A 187 -17.61 -0.51 7.76
C ALA A 187 -16.21 -0.50 7.16
N VAL A 188 -15.44 -1.55 7.41
CA VAL A 188 -14.09 -1.65 6.86
C VAL A 188 -14.16 -1.73 5.34
N LEU A 189 -15.05 -2.58 4.82
CA LEU A 189 -15.18 -2.73 3.37
C LEU A 189 -15.77 -1.49 2.74
N GLU A 190 -16.70 -0.81 3.42
CA GLU A 190 -17.23 0.45 2.90
C GLU A 190 -16.13 1.50 2.79
N TYR A 191 -15.26 1.58 3.80
CA TYR A 191 -14.08 2.43 3.73
C TYR A 191 -13.28 2.14 2.47
N LEU A 192 -12.98 0.86 2.23
CA LEU A 192 -12.10 0.52 1.11
C LEU A 192 -12.78 0.77 -0.23
N LYS A 193 -14.09 0.62 -0.31
CA LYS A 193 -14.79 0.91 -1.56
C LYS A 193 -14.66 2.38 -1.94
N ILE A 194 -14.71 3.28 -0.95
CA ILE A 194 -14.52 4.70 -1.23
C ILE A 194 -13.06 4.98 -1.55
N ALA A 195 -12.15 4.41 -0.76
CA ALA A 195 -10.73 4.68 -0.94
C ALA A 195 -10.24 4.23 -2.30
N GLN A 196 -10.75 3.09 -2.79
CA GLN A 196 -10.24 2.55 -4.05
C GLN A 196 -10.57 3.42 -5.26
N ASP A 197 -11.49 4.37 -5.11
CA ASP A 197 -11.80 5.32 -6.16
C ASP A 197 -10.87 6.53 -6.18
N LEU A 198 -10.01 6.70 -5.17
CA LEU A 198 -9.13 7.86 -5.14
C LEU A 198 -8.05 7.74 -6.22
N GLU A 199 -7.66 8.89 -6.77
CA GLU A 199 -6.72 8.90 -7.89
C GLU A 199 -5.39 8.25 -7.54
N MET A 200 -4.90 8.46 -6.31
CA MET A 200 -3.59 7.96 -5.92
C MET A 200 -3.63 6.56 -5.30
N TYR A 201 -4.81 6.00 -5.10
CA TYR A 201 -4.93 4.70 -4.45
C TYR A 201 -4.27 3.60 -5.28
N GLY A 202 -3.43 2.80 -4.62
CA GLY A 202 -2.83 1.66 -5.27
C GLY A 202 -1.87 1.97 -6.39
N VAL A 203 -1.30 3.17 -6.43
CA VAL A 203 -0.38 3.58 -7.47
C VAL A 203 1.01 3.65 -6.86
N ASN A 204 1.97 2.97 -7.49
CA ASN A 204 3.38 3.05 -7.11
C ASN A 204 4.02 4.16 -7.93
N TYR A 205 4.46 5.23 -7.27
CA TYR A 205 5.05 6.37 -7.95
C TYR A 205 6.57 6.29 -7.95
N PHE A 206 7.17 6.69 -9.07
CA PHE A 206 8.62 6.74 -9.23
C PHE A 206 8.99 8.07 -9.89
N SER A 207 9.95 8.76 -9.30
CA SER A 207 10.48 9.96 -9.94
C SER A 207 11.29 9.57 -11.17
N ILE A 208 10.96 10.15 -12.32
CA ILE A 208 11.60 9.82 -13.58
C ILE A 208 11.84 11.10 -14.36
N LYS A 209 12.52 10.96 -15.51
CA LYS A 209 12.84 12.10 -16.36
C LYS A 209 12.54 11.76 -17.80
N ASN A 210 12.08 12.78 -18.54
CA ASN A 210 11.95 12.83 -20.00
C ASN A 210 13.26 12.51 -20.70
N LYS A 211 13.20 12.19 -21.99
CA LYS A 211 14.45 12.16 -22.76
C LYS A 211 15.05 13.54 -22.91
N LYS A 212 14.29 14.59 -22.61
CA LYS A 212 14.79 15.95 -22.55
C LYS A 212 15.31 16.31 -21.16
N GLY A 213 15.07 15.47 -20.16
CA GLY A 213 15.49 15.76 -18.81
C GLY A 213 14.42 16.39 -17.93
N SER A 214 13.19 16.54 -18.43
CA SER A 214 12.12 17.13 -17.62
C SER A 214 11.65 16.15 -16.56
N GLU A 215 11.36 16.68 -15.38
CA GLU A 215 10.95 15.86 -14.24
C GLU A 215 9.51 15.41 -14.40
N LEU A 216 9.26 14.13 -14.17
CA LEU A 216 7.93 13.54 -14.25
C LEU A 216 7.79 12.48 -13.18
N TRP A 217 6.61 11.88 -13.12
CA TRP A 217 6.37 10.71 -12.29
C TRP A 217 5.88 9.57 -13.17
N LEU A 218 6.34 8.36 -12.88
CA LEU A 218 5.71 7.16 -13.40
C LEU A 218 4.85 6.55 -12.30
N GLY A 219 3.65 6.14 -12.67
CA GLY A 219 2.80 5.34 -11.80
C GLY A 219 2.67 3.95 -12.38
N VAL A 220 2.82 2.94 -11.52
CA VAL A 220 2.54 1.55 -11.85
C VAL A 220 1.41 1.10 -10.96
N ASP A 221 0.35 0.56 -11.55
CA ASP A 221 -0.80 0.08 -10.77
C ASP A 221 -1.31 -1.21 -11.40
N ALA A 222 -2.47 -1.67 -10.91
CA ALA A 222 -3.01 -2.95 -11.36
C ALA A 222 -3.40 -2.95 -12.84
N LEU A 223 -3.67 -1.76 -13.41
CA LEU A 223 -4.17 -1.65 -14.77
C LEU A 223 -3.11 -1.25 -15.79
N GLY A 224 -1.93 -0.87 -15.36
CA GLY A 224 -0.89 -0.50 -16.31
C GLY A 224 -0.02 0.61 -15.74
N LEU A 225 0.47 1.45 -16.65
CA LEU A 225 1.44 2.49 -16.35
C LEU A 225 0.87 3.85 -16.70
N ASN A 226 1.29 4.87 -15.96
CA ASN A 226 0.86 6.23 -16.19
C ASN A 226 2.04 7.17 -16.06
N ILE A 227 2.02 8.25 -16.83
CA ILE A 227 3.01 9.32 -16.76
C ILE A 227 2.32 10.58 -16.25
N TYR A 228 2.91 11.22 -15.25
CA TYR A 228 2.33 12.38 -14.59
C TYR A 228 3.28 13.56 -14.69
N GLU A 229 2.71 14.77 -14.75
CA GLU A 229 3.52 15.97 -14.60
C GLU A 229 4.11 16.03 -13.21
N GLN A 230 5.17 16.82 -13.06
CA GLN A 230 5.95 16.84 -11.82
C GLN A 230 5.11 17.26 -10.62
N ASN A 231 4.18 18.20 -10.81
CA ASN A 231 3.41 18.74 -9.69
C ASN A 231 1.94 18.30 -9.72
N ASP A 232 1.63 17.21 -10.41
CA ASP A 232 0.24 16.71 -10.42
C ASP A 232 0.30 15.18 -10.53
N ARG A 233 0.20 14.54 -9.37
CA ARG A 233 0.16 13.08 -9.30
C ARG A 233 -1.25 12.53 -9.31
N LEU A 234 -2.25 13.38 -9.55
CA LEU A 234 -3.64 12.93 -9.61
C LEU A 234 -4.07 12.60 -11.02
N THR A 235 -3.65 13.40 -12.01
CA THR A 235 -4.15 13.32 -13.37
C THR A 235 -3.05 12.81 -14.30
N PRO A 236 -3.16 11.62 -14.87
CA PRO A 236 -2.12 11.12 -15.77
C PRO A 236 -2.03 11.95 -17.04
N LYS A 237 -0.81 12.35 -17.39
CA LYS A 237 -0.57 12.99 -18.69
C LYS A 237 -0.76 12.00 -19.82
N ILE A 238 -0.16 10.81 -19.68
CA ILE A 238 -0.30 9.74 -20.66
C ILE A 238 -0.65 8.45 -19.93
N GLY A 239 -1.59 7.69 -20.48
CA GLY A 239 -1.99 6.43 -19.89
C GLY A 239 -1.65 5.23 -20.76
N PHE A 240 -1.00 4.22 -20.18
CA PHE A 240 -0.61 2.99 -20.86
C PHE A 240 -1.23 1.78 -20.17
N PRO A 241 -2.50 1.47 -20.45
CA PRO A 241 -3.04 0.19 -19.97
C PRO A 241 -2.34 -0.97 -20.67
N TRP A 242 -2.37 -2.14 -20.02
CA TRP A 242 -1.64 -3.30 -20.56
C TRP A 242 -2.04 -3.58 -22.01
N SER A 243 -3.33 -3.49 -22.31
CA SER A 243 -3.81 -3.81 -23.65
C SER A 243 -3.24 -2.89 -24.72
N GLU A 244 -2.76 -1.70 -24.33
CA GLU A 244 -2.24 -0.75 -25.29
C GLU A 244 -0.71 -0.68 -25.31
N ILE A 245 -0.05 -1.63 -24.66
CA ILE A 245 1.41 -1.69 -24.63
C ILE A 245 1.85 -2.83 -25.54
N ARG A 246 2.67 -2.51 -26.54
CA ARG A 246 3.25 -3.55 -27.37
C ARG A 246 4.39 -4.25 -26.65
N ASN A 247 5.30 -3.47 -26.06
CA ASN A 247 6.37 -4.05 -25.27
C ASN A 247 6.92 -2.97 -24.36
N ILE A 248 7.58 -3.43 -23.28
CA ILE A 248 8.33 -2.55 -22.39
C ILE A 248 9.72 -3.12 -22.22
N SER A 249 10.69 -2.22 -22.11
CA SER A 249 12.07 -2.64 -21.99
C SER A 249 12.81 -1.70 -21.07
N PHE A 250 13.82 -2.21 -20.38
CA PHE A 250 14.74 -1.37 -19.65
C PHE A 250 16.15 -1.90 -19.83
N ASN A 251 17.11 -0.98 -19.81
CA ASN A 251 18.52 -1.31 -19.82
C ASN A 251 19.23 -0.25 -19.01
N ASP A 252 19.86 -0.66 -17.91
CA ASP A 252 20.54 0.27 -17.02
C ASP A 252 19.47 1.26 -16.52
N LYS A 253 19.61 2.55 -16.85
CA LYS A 253 18.70 3.57 -16.35
C LYS A 253 17.61 3.95 -17.34
N LYS A 254 17.67 3.45 -18.56
CA LYS A 254 16.74 3.84 -19.61
C LYS A 254 15.60 2.84 -19.72
N PHE A 255 14.38 3.36 -19.87
CA PHE A 255 13.16 2.57 -19.93
C PHE A 255 12.35 3.04 -21.13
N VAL A 256 11.81 2.10 -21.90
CA VAL A 256 11.11 2.43 -23.14
C VAL A 256 9.78 1.71 -23.16
N ILE A 257 8.70 2.47 -23.36
CA ILE A 257 7.37 1.92 -23.56
C ILE A 257 7.04 2.07 -25.04
N LYS A 258 6.78 0.95 -25.72
CA LYS A 258 6.33 0.98 -27.10
C LYS A 258 4.82 0.82 -27.15
N PRO A 259 4.07 1.77 -27.71
CA PRO A 259 2.64 1.62 -27.82
C PRO A 259 2.16 0.55 -28.82
N ILE A 260 0.97 -0.01 -28.60
CA ILE A 260 0.46 -1.10 -29.47
C ILE A 260 0.40 -0.60 -30.92
N ASP A 261 0.56 0.71 -31.14
CA ASP A 261 0.45 1.28 -32.51
C ASP A 261 1.83 1.79 -32.97
N LYS A 262 2.42 1.13 -33.97
CA LYS A 262 3.73 1.56 -34.50
C LYS A 262 3.71 3.07 -34.75
N LYS A 263 2.68 3.56 -35.44
CA LYS A 263 2.56 5.01 -35.72
C LYS A 263 2.82 5.78 -34.42
N ALA A 264 2.13 5.42 -33.35
CA ALA A 264 2.35 6.08 -32.04
C ALA A 264 3.84 6.02 -31.68
N PRO A 265 4.45 7.11 -31.17
CA PRO A 265 5.85 7.10 -30.82
C PRO A 265 6.18 6.36 -29.53
N ASP A 266 7.41 5.84 -29.44
CA ASP A 266 7.86 5.26 -28.20
C ASP A 266 7.89 6.34 -27.11
N PHE A 267 7.62 5.95 -25.88
CA PHE A 267 7.83 6.84 -24.74
C PHE A 267 9.07 6.39 -23.98
N VAL A 268 10.04 7.28 -23.90
CA VAL A 268 11.36 7.00 -23.35
C VAL A 268 11.52 7.78 -22.05
N PHE A 269 11.92 7.10 -20.99
CA PHE A 269 12.19 7.82 -19.75
C PHE A 269 13.41 7.23 -19.06
N TYR A 270 13.94 8.00 -18.11
CA TYR A 270 15.14 7.61 -17.37
C TYR A 270 14.83 7.58 -15.88
N ALA A 271 15.25 6.51 -15.22
CA ALA A 271 15.25 6.42 -13.77
C ALA A 271 16.61 6.83 -13.22
N PRO A 272 16.67 7.23 -11.94
CA PRO A 272 17.98 7.62 -11.37
C PRO A 272 18.97 6.47 -11.21
N ARG A 273 18.50 5.23 -11.10
CA ARG A 273 19.41 4.12 -10.83
C ARG A 273 18.90 2.84 -11.48
N LEU A 274 19.83 1.95 -11.82
CA LEU A 274 19.45 0.68 -12.45
C LEU A 274 18.48 -0.10 -11.56
N ARG A 275 18.72 -0.10 -10.24
CA ARG A 275 17.88 -0.90 -9.36
C ARG A 275 16.47 -0.36 -9.28
N ILE A 276 16.28 0.94 -9.50
CA ILE A 276 14.93 1.50 -9.58
C ILE A 276 14.20 0.92 -10.78
N ASN A 277 14.89 0.82 -11.92
CA ASN A 277 14.28 0.25 -13.11
C ASN A 277 13.92 -1.22 -12.92
N LYS A 278 14.77 -1.96 -12.20
CA LYS A 278 14.46 -3.34 -11.89
C LYS A 278 13.21 -3.43 -11.02
N ARG A 279 13.06 -2.49 -10.07
CA ARG A 279 11.91 -2.51 -9.18
C ARG A 279 10.64 -2.07 -9.90
N ILE A 280 10.75 -1.11 -10.82
CA ILE A 280 9.63 -0.77 -11.68
C ILE A 280 9.17 -1.99 -12.47
N LEU A 281 10.12 -2.71 -13.06
CA LEU A 281 9.75 -3.85 -13.88
C LEU A 281 9.21 -5.00 -13.03
N ALA A 282 9.78 -5.21 -11.84
CA ALA A 282 9.22 -6.21 -10.94
C ALA A 282 7.76 -5.92 -10.63
N LEU A 283 7.40 -4.65 -10.45
CA LEU A 283 6.01 -4.29 -10.20
C LEU A 283 5.16 -4.39 -11.47
N CYS A 284 5.75 -4.13 -12.63
CA CYS A 284 4.99 -4.30 -13.88
C CYS A 284 4.63 -5.76 -14.09
N MET A 285 5.58 -6.65 -13.86
CA MET A 285 5.38 -8.07 -14.11
C MET A 285 4.40 -8.66 -13.11
N GLY A 286 4.52 -8.29 -11.83
CA GLY A 286 3.57 -8.77 -10.84
C GLY A 286 2.16 -8.30 -11.10
N ASN A 287 2.00 -7.01 -11.42
CA ASN A 287 0.67 -6.47 -11.68
C ASN A 287 0.08 -7.04 -12.96
N HIS A 288 0.89 -7.11 -14.03
CA HIS A 288 0.43 -7.72 -15.27
C HIS A 288 -0.01 -9.16 -15.05
N GLU A 289 0.73 -9.88 -14.21
CA GLU A 289 0.42 -11.29 -13.96
C GLU A 289 -0.91 -11.43 -13.23
N LEU A 290 -1.13 -10.67 -12.16
CA LEU A 290 -2.39 -10.74 -11.45
C LEU A 290 -3.54 -10.27 -12.33
N TYR A 291 -3.29 -9.28 -13.19
CA TYR A 291 -4.30 -8.79 -14.12
C TYR A 291 -4.78 -9.90 -15.04
N MET A 292 -3.85 -10.66 -15.62
CA MET A 292 -4.23 -11.76 -16.49
C MET A 292 -4.94 -12.87 -15.72
N ARG A 293 -4.54 -13.11 -14.47
CA ARG A 293 -5.14 -14.19 -13.69
C ARG A 293 -6.60 -13.90 -13.39
N ARG A 294 -6.95 -12.63 -13.18
CA ARG A 294 -8.33 -12.28 -12.88
C ARG A 294 -9.26 -12.60 -14.04
N ARG A 295 -8.73 -12.72 -15.25
CA ARG A 295 -9.55 -12.91 -16.44
C ARG A 295 -9.60 -14.36 -16.92
N LYS A 296 -8.98 -15.29 -16.19
CA LYS A 296 -9.23 -16.71 -16.44
C LYS A 296 -10.55 -17.10 -15.81
N ASP B 1 14.08 -27.21 7.16
CA ASP B 1 15.14 -27.41 8.14
C ASP B 1 15.48 -26.11 8.87
N SER B 2 15.91 -25.10 8.09
CA SER B 2 16.33 -23.82 8.63
C SER B 2 15.18 -22.83 8.75
N GLU B 3 14.00 -23.30 9.14
CA GLU B 3 12.84 -22.42 9.22
C GLU B 3 13.05 -21.37 10.31
N PRO B 4 12.56 -20.15 10.12
CA PRO B 4 12.68 -19.14 11.17
C PRO B 4 11.96 -19.59 12.43
N VAL B 5 12.48 -19.14 13.56
CA VAL B 5 11.91 -19.50 14.87
C VAL B 5 11.32 -18.25 15.49
N LEU B 6 10.05 -18.34 15.89
CA LEU B 6 9.36 -17.22 16.50
C LEU B 6 9.87 -17.01 17.92
N LYS B 7 10.18 -15.76 18.26
CA LYS B 7 10.77 -15.43 19.55
C LYS B 7 9.91 -14.46 20.37
N GLY B 8 9.05 -13.68 19.75
CA GLY B 8 8.25 -12.72 20.47
C GLY B 8 7.18 -12.17 19.55
N VAL B 9 6.07 -11.75 20.16
CA VAL B 9 4.88 -11.34 19.41
C VAL B 9 4.20 -10.21 20.16
N LYS B 10 3.72 -9.22 19.41
CA LYS B 10 2.84 -8.19 19.92
C LYS B 10 1.62 -8.10 19.01
N LEU B 11 0.43 -8.18 19.60
CA LEU B 11 -0.82 -8.11 18.85
C LEU B 11 -1.54 -6.82 19.20
N HIS B 12 -1.82 -5.99 18.19
CA HIS B 12 -2.54 -4.74 18.38
C HIS B 12 -4.00 -4.96 18.01
N TYR B 13 -4.89 -4.84 18.99
CA TYR B 13 -6.31 -5.08 18.72
C TYR B 13 -7.00 -3.85 18.16
N THR B 14 -6.78 -2.69 18.78
CA THR B 14 -7.21 -1.33 18.37
C THR B 14 -7.38 -0.46 19.61
#